data_2M7R
#
_entry.id   2M7R
#
_entity_poly.entity_id   1
_entity_poly.type   'polypeptide(L)'
_entity_poly.pdbx_seq_one_letter_code
;GE(CGU)(CGU)YS(CGU)AI(NH2)
;
_entity_poly.pdbx_strand_id   A
#
# COMPACT_ATOMS: atom_id res chain seq x y z
N GLY A 1 -5.17 4.10 -1.69
CA GLY A 1 -4.56 3.58 -2.95
C GLY A 1 -4.19 2.10 -2.77
N GLU A 2 -4.71 1.26 -3.64
CA GLU A 2 -4.43 -0.18 -3.57
C GLU A 2 -2.96 -0.44 -3.87
N TYR A 5 -0.51 0.57 -1.08
CA TYR A 5 -0.52 -0.28 0.10
C TYR A 5 0.87 -0.81 0.41
N SER A 6 1.57 -1.26 -0.63
CA SER A 6 2.92 -1.79 -0.47
C SER A 6 3.86 -0.71 0.06
N ALA A 8 2.99 1.86 1.68
CA ALA A 8 2.52 2.24 3.02
C ALA A 8 3.24 1.45 4.09
N ILE A 9 3.49 0.17 3.82
CA ILE A 9 4.18 -0.69 4.76
C ILE A 9 5.68 -0.66 4.51
N GLY A 1 -6.12 1.78 -3.69
CA GLY A 1 -4.89 2.05 -2.87
C GLY A 1 -4.05 0.78 -2.79
N GLU A 2 -4.27 -0.14 -3.71
CA GLU A 2 -3.51 -1.39 -3.73
C GLU A 2 -2.04 -1.11 -4.01
N TYR A 5 -0.74 0.63 -0.83
CA TYR A 5 -0.67 -0.21 0.36
C TYR A 5 0.74 -0.76 0.54
N SER A 6 1.33 -1.24 -0.54
CA SER A 6 2.67 -1.80 -0.49
C SER A 6 3.67 -0.74 -0.04
N ALA A 8 2.94 1.87 1.65
CA ALA A 8 2.58 2.28 3.01
C ALA A 8 3.38 1.49 4.04
N ILE A 9 3.53 0.18 3.79
CA ILE A 9 4.27 -0.68 4.69
C ILE A 9 5.75 -0.70 4.32
N GLY A 1 -6.20 2.70 -3.47
CA GLY A 1 -4.70 2.72 -3.43
C GLY A 1 -4.19 1.29 -3.31
N GLU A 2 -4.42 0.48 -4.33
CA GLU A 2 -3.98 -0.91 -4.32
C GLU A 2 -2.46 -0.98 -4.37
N TYR A 5 -0.77 0.70 -0.94
CA TYR A 5 -0.72 -0.06 0.31
C TYR A 5 0.68 -0.63 0.52
N SER A 6 1.27 -1.16 -0.55
CA SER A 6 2.61 -1.73 -0.46
C SER A 6 3.62 -0.68 -0.03
N ALA A 8 2.92 1.82 1.84
CA ALA A 8 2.63 2.17 3.23
C ALA A 8 3.50 1.34 4.18
N ILE A 9 3.67 0.07 3.87
CA ILE A 9 4.48 -0.82 4.70
C ILE A 9 5.97 -0.67 4.36
N GLY A 1 -4.67 3.87 -4.80
CA GLY A 1 -4.90 3.40 -3.41
C GLY A 1 -4.35 1.98 -3.25
N GLU A 2 -4.73 1.09 -4.16
CA GLU A 2 -4.27 -0.29 -4.11
C GLU A 2 -2.77 -0.36 -4.36
N TYR A 5 -0.58 0.44 -0.90
CA TYR A 5 -0.58 -0.38 0.31
C TYR A 5 0.82 -0.89 0.61
N SER A 6 1.48 -1.42 -0.42
CA SER A 6 2.82 -1.95 -0.26
C SER A 6 3.78 -0.85 0.18
N ALA A 8 2.96 1.77 1.66
CA ALA A 8 2.51 2.26 2.96
C ALA A 8 3.29 1.58 4.08
N ILE A 9 3.58 0.30 3.91
CA ILE A 9 4.33 -0.44 4.92
C ILE A 9 5.78 -0.65 4.47
N GLY A 1 -6.98 2.49 -7.40
CA GLY A 1 -5.93 3.01 -6.48
C GLY A 1 -5.55 1.91 -5.48
N GLU A 2 -5.30 2.32 -4.25
CA GLU A 2 -4.92 1.36 -3.21
C GLU A 2 -3.71 0.53 -3.66
N TYR A 5 -0.20 0.38 -1.37
CA TYR A 5 -0.29 -0.43 -0.16
C TYR A 5 1.09 -0.90 0.27
N SER A 6 1.88 -1.39 -0.68
CA SER A 6 3.21 -1.88 -0.39
C SER A 6 4.07 -0.75 0.19
N ALA A 8 2.95 1.75 1.71
CA ALA A 8 2.34 2.16 2.97
C ALA A 8 3.06 1.51 4.14
N ILE A 9 3.43 0.26 3.97
CA ILE A 9 4.13 -0.47 5.03
C ILE A 9 5.61 -0.61 4.70
N GLY A 1 -6.76 -1.01 -5.53
CA GLY A 1 -5.65 -1.54 -6.36
C GLY A 1 -4.51 -1.98 -5.44
N GLU A 2 -4.60 -1.62 -4.17
CA GLU A 2 -3.57 -1.99 -3.21
C GLU A 2 -2.19 -1.58 -3.71
N TYR A 5 -0.47 0.80 -1.18
CA TYR A 5 -0.46 0.04 0.05
C TYR A 5 0.89 -0.60 0.28
N SER A 6 1.52 -1.05 -0.79
CA SER A 6 2.83 -1.69 -0.70
C SER A 6 3.86 -0.73 -0.10
N ALA A 8 3.04 1.76 1.76
CA ALA A 8 2.54 2.15 3.08
C ALA A 8 3.26 1.38 4.18
N ILE A 9 3.54 0.11 3.91
CA ILE A 9 4.22 -0.73 4.88
C ILE A 9 5.69 -0.88 4.52
N GLY A 1 -6.70 1.20 -5.67
CA GLY A 1 -6.94 1.04 -4.20
C GLY A 1 -5.96 0.02 -3.63
N GLU A 2 -4.89 -0.23 -4.37
CA GLU A 2 -3.88 -1.19 -3.92
C GLU A 2 -2.53 -0.89 -4.55
N TYR A 5 -0.52 0.45 -0.90
CA TYR A 5 -0.51 -0.36 0.30
C TYR A 5 0.87 -0.96 0.54
N SER A 6 1.49 -1.47 -0.51
CA SER A 6 2.81 -2.06 -0.41
C SER A 6 3.83 -1.03 0.06
N ALA A 8 3.03 1.69 1.56
CA ALA A 8 2.54 2.22 2.82
C ALA A 8 3.27 1.59 4.00
N ILE A 9 3.51 0.28 3.90
CA ILE A 9 4.20 -0.44 4.97
C ILE A 9 5.72 -0.28 4.82
N GLY A 1 -3.59 2.89 1.11
CA GLY A 1 -3.48 3.34 -0.31
C GLY A 1 -3.83 2.18 -1.24
N GLU A 2 -4.51 2.49 -2.34
CA GLU A 2 -4.92 1.47 -3.29
C GLU A 2 -3.70 0.69 -3.77
N TYR A 5 -0.23 0.38 -1.38
CA TYR A 5 -0.39 -0.54 -0.26
C TYR A 5 0.97 -1.10 0.16
N SER A 6 1.73 -1.57 -0.81
CA SER A 6 3.05 -2.15 -0.54
C SER A 6 3.98 -1.07 0.02
N ALA A 8 2.92 1.46 1.63
CA ALA A 8 2.30 1.95 2.87
C ALA A 8 3.11 1.52 4.08
N ILE A 9 3.58 0.27 4.06
CA ILE A 9 4.36 -0.25 5.17
C ILE A 9 5.83 0.12 5.01
N GLY A 1 -5.44 -2.65 -7.38
CA GLY A 1 -4.76 -3.62 -6.47
C GLY A 1 -3.96 -2.85 -5.42
N GLU A 2 -3.02 -3.54 -4.78
CA GLU A 2 -2.19 -2.92 -3.76
C GLU A 2 -1.22 -1.93 -4.39
N TYR A 5 -0.59 0.74 -0.96
CA TYR A 5 -0.58 -0.15 0.20
C TYR A 5 0.80 -0.75 0.41
N SER A 6 1.42 -1.22 -0.68
CA SER A 6 2.75 -1.81 -0.60
C SER A 6 3.75 -0.79 -0.08
N ALA A 8 2.96 1.83 1.60
CA ALA A 8 2.50 2.26 2.92
C ALA A 8 3.22 1.48 4.01
N ILE A 9 3.47 0.20 3.75
CA ILE A 9 4.15 -0.65 4.73
C ILE A 9 5.64 -0.72 4.44
N GLY A 1 -5.05 3.63 -2.53
CA GLY A 1 -4.63 2.35 -1.88
C GLY A 1 -4.20 1.35 -2.95
N GLU A 2 -4.60 0.10 -2.77
CA GLU A 2 -4.25 -0.95 -3.72
C GLU A 2 -2.74 -1.01 -3.93
N TYR A 5 -0.53 0.80 -1.16
CA TYR A 5 -0.51 0.05 0.10
C TYR A 5 0.84 -0.62 0.31
N SER A 6 1.43 -1.10 -0.79
CA SER A 6 2.73 -1.77 -0.71
C SER A 6 3.79 -0.83 -0.16
N ALA A 8 3.03 1.66 1.78
CA ALA A 8 2.57 2.05 3.10
C ALA A 8 3.36 1.31 4.19
N ILE A 9 3.66 0.04 3.93
CA ILE A 9 4.41 -0.76 4.88
C ILE A 9 5.91 -0.51 4.74
N GLY A 1 -5.16 2.34 -2.13
CA GLY A 1 -4.80 1.85 -3.49
C GLY A 1 -4.14 0.47 -3.37
N GLU A 2 -4.22 -0.31 -4.45
CA GLU A 2 -3.62 -1.63 -4.46
C GLU A 2 -2.10 -1.56 -4.36
N TYR A 5 -0.89 0.78 -0.97
CA TYR A 5 -0.79 0.07 0.30
C TYR A 5 0.63 -0.41 0.55
N SER A 6 1.25 -0.96 -0.49
CA SER A 6 2.62 -1.48 -0.37
C SER A 6 3.56 -0.36 0.06
N ALA A 8 2.98 2.10 2.03
CA ALA A 8 2.86 2.30 3.46
C ALA A 8 3.65 1.23 4.22
N ILE A 9 3.58 0.00 3.73
CA ILE A 9 4.30 -1.11 4.36
C ILE A 9 5.75 -1.15 3.89
N GLY A 1 -3.56 4.48 -2.33
CA GLY A 1 -4.39 3.62 -1.46
C GLY A 1 -3.92 2.17 -1.58
N GLU A 2 -4.69 1.37 -2.32
CA GLU A 2 -4.34 -0.03 -2.51
C GLU A 2 -3.05 -0.17 -3.31
N TYR A 5 -0.17 0.43 -1.29
CA TYR A 5 -0.26 -0.42 -0.11
C TYR A 5 1.12 -0.95 0.27
N SER A 6 1.84 -1.46 -0.73
CA SER A 6 3.17 -2.00 -0.48
C SER A 6 4.10 -0.91 0.05
N ALA A 8 2.97 1.77 1.62
CA ALA A 8 2.39 2.23 2.88
C ALA A 8 3.06 1.55 4.06
N ILE A 9 3.37 0.26 3.90
CA ILE A 9 4.01 -0.50 4.97
C ILE A 9 5.52 -0.41 4.87
N GLY A 1 -4.28 3.25 -0.21
CA GLY A 1 -4.36 2.99 -1.67
C GLY A 1 -4.03 1.53 -1.96
N GLU A 2 -4.68 0.96 -2.96
CA GLU A 2 -4.43 -0.43 -3.33
C GLU A 2 -3.02 -0.61 -3.86
N TYR A 5 -0.39 0.53 -1.18
CA TYR A 5 -0.46 -0.34 -0.01
C TYR A 5 0.94 -0.86 0.35
N SER A 6 1.66 -1.34 -0.66
CA SER A 6 3.00 -1.86 -0.44
C SER A 6 3.92 -0.76 0.10
N ALA A 8 2.94 1.80 1.67
CA ALA A 8 2.42 2.22 2.97
C ALA A 8 3.17 1.51 4.10
N ILE A 9 3.46 0.23 3.90
CA ILE A 9 4.17 -0.55 4.90
C ILE A 9 5.64 -0.67 4.54
N GLY A 1 -4.46 4.09 -2.50
CA GLY A 1 -4.50 3.30 -3.77
C GLY A 1 -4.13 1.85 -3.47
N GLU A 2 -4.62 0.94 -4.32
CA GLU A 2 -4.34 -0.47 -4.13
C GLU A 2 -2.85 -0.74 -4.30
N TYR A 5 -0.65 0.70 -1.14
CA TYR A 5 -0.68 -0.10 0.08
C TYR A 5 0.71 -0.68 0.38
N SER A 6 1.35 -1.22 -0.64
CA SER A 6 2.68 -1.80 -0.48
C SER A 6 3.68 -0.73 -0.03
N ALA A 8 2.90 1.74 1.90
CA ALA A 8 2.57 2.09 3.27
C ALA A 8 3.47 1.33 4.24
N ILE A 9 3.72 0.05 3.95
CA ILE A 9 4.56 -0.77 4.80
C ILE A 9 6.03 -0.49 4.53
N GLY A 1 -7.01 1.07 -2.91
CA GLY A 1 -6.74 -0.12 -3.77
C GLY A 1 -5.67 -1.00 -3.10
N GLU A 2 -4.56 -1.20 -3.79
CA GLU A 2 -3.48 -2.02 -3.25
C GLU A 2 -2.13 -1.57 -3.81
N TYR A 5 -0.50 0.68 -0.99
CA TYR A 5 -0.46 -0.21 0.16
C TYR A 5 0.95 -0.74 0.38
N SER A 6 1.58 -1.21 -0.69
CA SER A 6 2.94 -1.74 -0.61
C SER A 6 3.90 -0.67 -0.08
N ALA A 8 3.03 2.03 1.61
CA ALA A 8 2.62 2.39 2.96
C ALA A 8 3.24 1.44 3.99
N ILE A 9 3.30 0.17 3.64
CA ILE A 9 3.88 -0.83 4.54
C ILE A 9 5.40 -0.79 4.48
N GLY A 1 -4.49 3.63 -4.27
CA GLY A 1 -4.98 3.28 -2.90
C GLY A 1 -4.49 1.89 -2.53
N GLU A 2 -4.94 0.89 -3.26
CA GLU A 2 -4.55 -0.49 -2.99
C GLU A 2 -3.05 -0.66 -3.22
N TYR A 5 -0.41 0.68 -0.73
CA TYR A 5 -0.13 -0.17 0.41
C TYR A 5 1.33 -0.63 0.39
N SER A 6 1.77 -1.09 -0.77
CA SER A 6 3.15 -1.56 -0.92
C SER A 6 4.13 -0.44 -0.61
N ALA A 8 3.72 1.77 1.30
CA ALA A 8 3.45 2.22 2.66
C ALA A 8 3.14 1.03 3.57
N ILE A 9 4.09 0.09 3.64
CA ILE A 9 3.91 -1.09 4.47
C ILE A 9 4.04 -0.73 5.94
N GLY A 1 -7.13 0.79 -2.39
CA GLY A 1 -6.21 1.08 -3.53
C GLY A 1 -5.05 0.10 -3.51
N GLU A 2 -5.00 -0.77 -4.51
CA GLU A 2 -3.93 -1.76 -4.60
C GLU A 2 -2.71 -1.16 -5.31
N TYR A 5 -0.59 0.73 -1.03
CA TYR A 5 -0.60 -0.15 0.12
C TYR A 5 0.78 -0.76 0.35
N SER A 6 1.40 -1.23 -0.73
CA SER A 6 2.73 -1.83 -0.65
C SER A 6 3.75 -0.80 -0.15
N ALA A 8 2.92 1.78 1.63
CA ALA A 8 2.48 2.21 2.96
C ALA A 8 3.27 1.47 4.04
N ILE A 9 3.46 0.17 3.84
CA ILE A 9 4.19 -0.64 4.81
C ILE A 9 5.69 -0.63 4.49
N GLY A 1 -8.36 -3.20 -4.37
CA GLY A 1 -7.26 -3.01 -5.35
C GLY A 1 -6.07 -2.35 -4.66
N GLU A 2 -5.11 -3.16 -4.24
CA GLU A 2 -3.92 -2.65 -3.57
C GLU A 2 -2.95 -2.05 -4.59
N TYR A 5 -0.57 1.01 -1.22
CA TYR A 5 -0.45 0.40 0.09
C TYR A 5 0.90 -0.27 0.26
N SER A 6 1.51 -0.66 -0.86
CA SER A 6 2.80 -1.32 -0.83
C SER A 6 3.85 -0.40 -0.19
N ALA A 8 3.12 1.94 2.00
CA ALA A 8 2.73 2.12 3.39
C ALA A 8 3.40 1.08 4.27
N ILE A 9 3.51 -0.14 3.76
CA ILE A 9 4.13 -1.23 4.52
C ILE A 9 5.59 -0.90 4.81
N GLY A 1 -5.78 2.89 -1.78
CA GLY A 1 -4.77 2.69 -2.86
C GLY A 1 -4.21 1.27 -2.79
N GLU A 2 -4.52 0.47 -3.81
CA GLU A 2 -4.05 -0.90 -3.85
C GLU A 2 -2.53 -0.93 -4.01
N TYR A 5 -0.63 0.66 -0.87
CA TYR A 5 -0.54 -0.22 0.30
C TYR A 5 0.86 -0.78 0.45
N SER A 6 1.43 -1.24 -0.66
CA SER A 6 2.77 -1.80 -0.65
C SER A 6 3.79 -0.76 -0.16
N ALA A 8 2.97 1.86 1.58
CA ALA A 8 2.55 2.27 2.92
C ALA A 8 3.29 1.45 3.98
N ILE A 9 3.43 0.16 3.72
CA ILE A 9 4.12 -0.72 4.66
C ILE A 9 5.63 -0.59 4.51
N GLY A 1 -5.08 -1.91 -8.12
CA GLY A 1 -5.16 -2.38 -6.70
C GLY A 1 -3.77 -2.74 -6.21
N GLU A 2 -3.61 -2.77 -4.89
CA GLU A 2 -2.31 -3.10 -4.29
C GLU A 2 -1.21 -2.26 -4.91
N TYR A 5 -0.80 0.86 -0.94
CA TYR A 5 -0.67 0.18 0.33
C TYR A 5 0.67 -0.53 0.43
N SER A 6 1.18 -0.96 -0.71
CA SER A 6 2.47 -1.66 -0.75
C SER A 6 3.59 -0.74 -0.27
N ALA A 8 3.03 1.83 1.69
CA ALA A 8 2.70 2.22 3.06
C ALA A 8 3.45 1.35 4.06
N ILE A 9 3.56 0.06 3.75
CA ILE A 9 4.25 -0.86 4.63
C ILE A 9 5.75 -0.82 4.39
#